data_1Q79
#
_entry.id   1Q79
#
_cell.length_a   57.640
_cell.length_b   63.070
_cell.length_c   181.340
_cell.angle_alpha   90.00
_cell.angle_beta   90.00
_cell.angle_gamma   90.00
#
_symmetry.space_group_name_H-M   'P 21 21 21'
#
loop_
_entity.id
_entity.type
_entity.pdbx_description
1 polymer 'Poly(A) polymerase alpha'
2 non-polymer 'MANGANESE (II) ION'
3 non-polymer "3'-DEOXYADENOSINE-5'-TRIPHOSPHATE"
4 non-polymer GLYCEROL
5 water water
#
_entity_poly.entity_id   1
_entity_poly.type   'polypeptide(L)'
_entity_poly.pdbx_seq_one_letter_code
;MPFPVTTQGSQQTQPPQKHYGITSPISLAAPKETD(CSD)LLTQKLVETLKPFGVFEEEEELQRRILILGKLNNLVKEWI
REISESKNLPQSVIENVGGKIFTFGSYRLGVHTKGADIDALCVAPRHVDRSDFFTSFYDKLKLQEEVKDLRAVEEAFVPV
IKL(CSO)FDGIEIDILFARLALQTIPEDLDLRDDSLLKNLDIR(CSD)IRSLNGCRVTDEILHLVPNIDNFRLTLRAIK
LWAKRHNIYSNILGFLGGVSWAMLVARTCQLYPNAIASTLVHKFFLVFSKWEWPNPVLLKQPEECNLNLPVWDPRVNPSD
RYHLMPIITPAYPQQNSTYNVSVSTRMVMVEEFKQGLAITDEILLSKAEWSKLFEAPNFFQKYKHYIVLLASAPTEKQRL
EWVGLVESKIRILVGSLEKNEFITLAHVNPQSFPAPKENPDKEEFRTMWVIGLVFKKTENSENLSVDLTYDIQSFTDTVY
RQAINSKMFEVDMKIAAMHVKRKQLHQLLPSHVLQKKKKHSTEGVK
;
_entity_poly.pdbx_strand_id   A
#
# COMPACT_ATOMS: atom_id res chain seq x y z
N HIS A 19 -28.02 -1.10 7.15
CA HIS A 19 -26.88 -1.66 6.38
C HIS A 19 -25.64 -0.77 6.47
N TYR A 20 -24.56 -1.19 5.85
CA TYR A 20 -23.32 -0.42 5.84
C TYR A 20 -23.18 0.26 4.47
N GLY A 21 -22.58 1.45 4.46
CA GLY A 21 -22.40 2.14 3.19
C GLY A 21 -23.35 3.30 2.95
N ILE A 22 -23.01 4.12 1.95
CA ILE A 22 -23.82 5.30 1.64
C ILE A 22 -25.00 5.05 0.71
N THR A 23 -25.22 3.80 0.30
CA THR A 23 -26.34 3.44 -0.56
C THR A 23 -26.91 2.11 -0.10
N SER A 24 -28.11 1.79 -0.55
CA SER A 24 -28.71 0.52 -0.19
C SER A 24 -27.87 -0.54 -0.89
N PRO A 25 -27.86 -1.77 -0.36
CA PRO A 25 -27.06 -2.79 -1.05
C PRO A 25 -27.71 -3.21 -2.36
N ILE A 26 -26.94 -3.83 -3.25
CA ILE A 26 -27.50 -4.27 -4.52
C ILE A 26 -28.36 -5.52 -4.26
N SER A 27 -27.83 -6.46 -3.47
CA SER A 27 -28.54 -7.69 -3.18
C SER A 27 -28.26 -8.19 -1.76
N LEU A 28 -29.29 -8.77 -1.13
CA LEU A 28 -29.18 -9.30 0.21
C LEU A 28 -29.10 -10.82 0.18
N ALA A 29 -29.16 -11.38 -1.02
CA ALA A 29 -29.12 -12.83 -1.18
C ALA A 29 -27.93 -13.50 -0.49
N ALA A 30 -28.21 -14.63 0.13
CA ALA A 30 -27.19 -15.42 0.81
C ALA A 30 -26.66 -16.42 -0.20
N PRO A 31 -25.54 -17.07 0.10
CA PRO A 31 -24.99 -18.05 -0.85
C PRO A 31 -25.80 -19.34 -0.88
N LYS A 32 -25.55 -20.15 -1.91
CA LYS A 32 -26.18 -21.45 -2.07
C LYS A 32 -25.06 -22.45 -1.81
N GLU A 33 -25.39 -23.72 -1.54
CA GLU A 33 -24.35 -24.72 -1.30
C GLU A 33 -23.37 -24.72 -2.46
N THR A 34 -23.87 -24.36 -3.63
CA THR A 34 -23.04 -24.27 -4.83
C THR A 34 -21.90 -23.26 -4.63
N ASP A 35 -22.21 -22.12 -4.02
CA ASP A 35 -21.21 -21.10 -3.76
C ASP A 35 -20.23 -21.55 -2.67
N LEU A 37 -19.09 -24.47 -2.06
CA LEU A 37 -18.07 -25.33 -2.65
C LEU A 37 -17.10 -24.54 -3.54
N LEU A 38 -17.63 -23.52 -4.23
CA LEU A 38 -16.79 -22.68 -5.07
C LEU A 38 -15.81 -21.88 -4.21
N THR A 39 -16.27 -21.48 -3.02
CA THR A 39 -15.42 -20.71 -2.12
C THR A 39 -14.31 -21.59 -1.55
N GLN A 40 -14.63 -22.86 -1.28
CA GLN A 40 -13.63 -23.78 -0.75
C GLN A 40 -12.57 -24.03 -1.82
N LYS A 41 -12.98 -24.05 -3.09
CA LYS A 41 -12.04 -24.26 -4.19
C LYS A 41 -11.14 -23.04 -4.36
N LEU A 42 -11.68 -21.86 -4.07
CA LEU A 42 -10.89 -20.63 -4.16
C LEU A 42 -9.79 -20.71 -3.11
N VAL A 43 -10.12 -21.17 -1.91
CA VAL A 43 -9.15 -21.28 -0.83
C VAL A 43 -8.02 -22.24 -1.19
N GLU A 44 -8.36 -23.37 -1.82
CA GLU A 44 -7.35 -24.35 -2.21
C GLU A 44 -6.43 -23.84 -3.31
N THR A 45 -6.98 -23.05 -4.22
CA THR A 45 -6.21 -22.47 -5.31
C THR A 45 -5.24 -21.39 -4.80
N LEU A 46 -5.59 -20.72 -3.71
CA LEU A 46 -4.75 -19.65 -3.15
C LEU A 46 -3.57 -20.11 -2.30
N LYS A 47 -3.72 -21.22 -1.58
CA LYS A 47 -2.67 -21.74 -0.71
C LYS A 47 -1.27 -21.87 -1.33
N PRO A 48 -1.16 -22.47 -2.53
CA PRO A 48 0.14 -22.64 -3.18
C PRO A 48 0.87 -21.32 -3.46
N PHE A 49 0.13 -20.22 -3.53
CA PHE A 49 0.73 -18.92 -3.81
C PHE A 49 1.34 -18.27 -2.57
N GLY A 50 1.05 -18.85 -1.40
CA GLY A 50 1.59 -18.31 -0.16
C GLY A 50 0.86 -17.09 0.40
N VAL A 51 -0.41 -16.91 0.01
CA VAL A 51 -1.18 -15.76 0.50
C VAL A 51 -1.63 -15.94 1.95
N PHE A 52 -1.54 -17.17 2.45
CA PHE A 52 -1.91 -17.51 3.82
C PHE A 52 -0.62 -17.75 4.61
N GLU A 53 -0.36 -16.96 5.65
CA GLU A 53 0.86 -17.18 6.44
C GLU A 53 0.69 -18.45 7.26
N GLU A 54 1.80 -19.15 7.53
CA GLU A 54 1.72 -20.38 8.33
C GLU A 54 1.33 -20.04 9.77
N GLU A 55 0.51 -20.89 10.37
CA GLU A 55 0.06 -20.65 11.74
C GLU A 55 1.21 -20.45 12.70
N GLU A 56 2.26 -21.27 12.55
CA GLU A 56 3.41 -21.16 13.42
C GLU A 56 4.02 -19.77 13.33
N GLU A 57 4.04 -19.20 12.13
CA GLU A 57 4.59 -17.87 11.92
C GLU A 57 3.66 -16.82 12.54
N LEU A 58 2.37 -17.04 12.38
CA LEU A 58 1.39 -16.12 12.95
C LEU A 58 1.59 -16.09 14.47
N GLN A 59 1.87 -17.25 15.07
CA GLN A 59 2.07 -17.30 16.52
C GLN A 59 3.32 -16.54 16.90
N ARG A 60 4.38 -16.72 16.13
CA ARG A 60 5.63 -16.03 16.38
C ARG A 60 5.40 -14.51 16.38
N ARG A 61 4.63 -14.02 15.40
CA ARG A 61 4.36 -12.58 15.32
C ARG A 61 3.56 -12.09 16.53
N ILE A 62 2.62 -12.90 17.01
CA ILE A 62 1.82 -12.53 18.17
C ILE A 62 2.71 -12.37 19.38
N LEU A 63 3.65 -13.30 19.55
CA LEU A 63 4.57 -13.25 20.67
C LEU A 63 5.50 -12.04 20.58
N ILE A 64 5.92 -11.69 19.37
CA ILE A 64 6.77 -10.52 19.17
C ILE A 64 6.03 -9.27 19.62
N LEU A 65 4.75 -9.16 19.25
CA LEU A 65 3.93 -8.01 19.60
C LEU A 65 3.74 -7.87 21.10
N GLY A 66 3.63 -9.02 21.77
CA GLY A 66 3.46 -9.01 23.21
C GLY A 66 4.71 -8.43 23.85
N LYS A 67 5.88 -8.83 23.35
CA LYS A 67 7.13 -8.31 23.90
C LYS A 67 7.23 -6.80 23.69
N LEU A 68 6.94 -6.35 22.48
CA LEU A 68 7.01 -4.92 22.17
C LEU A 68 6.08 -4.10 23.05
N ASN A 69 4.87 -4.61 23.22
CA ASN A 69 3.85 -3.95 24.03
C ASN A 69 4.32 -3.79 25.49
N ASN A 70 4.98 -4.82 26.02
CA ASN A 70 5.48 -4.76 27.38
C ASN A 70 6.64 -3.78 27.47
N LEU A 71 7.45 -3.70 26.41
CA LEU A 71 8.57 -2.77 26.39
C LEU A 71 8.04 -1.32 26.36
N VAL A 72 6.98 -1.10 25.61
CA VAL A 72 6.39 0.24 25.53
C VAL A 72 5.87 0.61 26.92
N LYS A 73 5.14 -0.30 27.54
CA LYS A 73 4.61 -0.05 28.87
C LYS A 73 5.73 0.26 29.86
N GLU A 74 6.79 -0.55 29.82
CA GLU A 74 7.95 -0.38 30.69
C GLU A 74 8.61 1.00 30.48
N TRP A 75 8.78 1.38 29.21
CA TRP A 75 9.38 2.66 28.86
C TRP A 75 8.55 3.84 29.39
N ILE A 76 7.24 3.78 29.17
CA ILE A 76 6.35 4.85 29.62
C ILE A 76 6.32 4.95 31.15
N ARG A 77 6.43 3.81 31.82
CA ARG A 77 6.44 3.81 33.28
C ARG A 77 7.68 4.55 33.73
N GLU A 78 8.82 4.20 33.13
CA GLU A 78 10.09 4.83 33.47
C GLU A 78 10.05 6.34 33.24
N ILE A 79 9.50 6.77 32.10
CA ILE A 79 9.40 8.19 31.82
C ILE A 79 8.55 8.85 32.91
N SER A 80 7.41 8.23 33.20
CA SER A 80 6.50 8.73 34.22
C SER A 80 7.19 8.91 35.57
N GLU A 81 7.99 7.92 35.95
CA GLU A 81 8.71 7.97 37.22
C GLU A 81 9.78 9.06 37.19
N SER A 82 10.56 9.12 36.12
CA SER A 82 11.62 10.10 35.97
C SER A 82 11.08 11.53 36.00
N LYS A 83 9.77 11.68 35.87
CA LYS A 83 9.14 12.99 35.90
C LYS A 83 8.44 13.20 37.23
N ASN A 84 8.89 12.45 38.23
CA ASN A 84 8.34 12.52 39.57
C ASN A 84 6.82 12.64 39.62
N LEU A 85 6.16 12.16 38.57
CA LEU A 85 4.70 12.21 38.54
C LEU A 85 4.18 11.49 39.78
N PRO A 86 3.04 11.93 40.31
CA PRO A 86 2.51 11.27 41.51
C PRO A 86 2.44 9.76 41.29
N GLN A 87 2.85 9.00 42.30
CA GLN A 87 2.82 7.54 42.20
C GLN A 87 1.39 7.12 41.86
N SER A 88 0.47 8.08 41.96
CA SER A 88 -0.93 7.86 41.65
C SER A 88 -1.09 7.49 40.18
N VAL A 89 -0.66 8.40 39.30
CA VAL A 89 -0.74 8.20 37.86
C VAL A 89 0.20 7.09 37.40
N ILE A 90 1.44 7.11 37.89
CA ILE A 90 2.44 6.12 37.53
C ILE A 90 1.88 4.70 37.43
N GLU A 91 0.98 4.37 38.35
CA GLU A 91 0.38 3.04 38.39
C GLU A 91 -0.66 2.80 37.30
N ASN A 92 -1.17 3.86 36.70
CA ASN A 92 -2.18 3.71 35.66
C ASN A 92 -1.93 4.44 34.34
N VAL A 93 -0.71 4.93 34.12
CA VAL A 93 -0.41 5.63 32.88
C VAL A 93 -0.69 4.79 31.64
N GLY A 94 -0.45 3.49 31.74
CA GLY A 94 -0.70 2.59 30.62
C GLY A 94 0.20 2.79 29.41
N GLY A 95 -0.43 2.79 28.23
CA GLY A 95 0.33 2.93 26.99
C GLY A 95 0.34 1.60 26.27
N LYS A 96 0.24 1.62 24.94
CA LYS A 96 0.23 0.38 24.19
C LYS A 96 0.54 0.53 22.72
N ILE A 97 0.69 -0.62 22.07
CA ILE A 97 0.97 -0.71 20.63
C ILE A 97 -0.33 -1.03 19.88
N PHE A 98 -0.59 -0.29 18.81
CA PHE A 98 -1.76 -0.54 17.98
C PHE A 98 -1.24 -0.92 16.60
N THR A 99 -1.62 -2.09 16.10
CA THR A 99 -1.19 -2.48 14.77
C THR A 99 -2.20 -1.94 13.77
N PHE A 100 -1.76 -1.76 12.53
CA PHE A 100 -2.63 -1.29 11.47
C PHE A 100 -2.12 -1.86 10.15
N GLY A 101 -2.68 -1.43 9.03
CA GLY A 101 -2.22 -1.95 7.75
C GLY A 101 -2.57 -3.40 7.45
N SER A 102 -1.83 -4.01 6.53
CA SER A 102 -2.09 -5.39 6.11
C SER A 102 -2.10 -6.43 7.24
N TYR A 103 -1.15 -6.35 8.16
CA TYR A 103 -1.13 -7.32 9.25
C TYR A 103 -2.42 -7.26 10.07
N ARG A 104 -2.85 -6.05 10.42
CA ARG A 104 -4.07 -5.87 11.20
C ARG A 104 -5.31 -6.36 10.44
N LEU A 105 -5.33 -6.17 9.12
CA LEU A 105 -6.47 -6.62 8.32
C LEU A 105 -6.43 -8.14 8.19
N GLY A 106 -5.28 -8.71 8.48
CA GLY A 106 -5.11 -10.16 8.40
C GLY A 106 -4.84 -10.70 7.01
N VAL A 107 -4.35 -9.85 6.10
CA VAL A 107 -4.07 -10.32 4.74
C VAL A 107 -2.60 -10.22 4.37
N HIS A 108 -1.76 -9.99 5.38
CA HIS A 108 -0.32 -9.88 5.15
C HIS A 108 0.18 -11.23 4.63
N THR A 109 1.23 -11.19 3.82
CA THR A 109 1.80 -12.41 3.29
C THR A 109 3.19 -12.61 3.89
N LYS A 110 3.79 -13.76 3.64
CA LYS A 110 5.11 -14.06 4.14
C LYS A 110 6.10 -13.01 3.65
N GLY A 111 6.83 -12.39 4.58
CA GLY A 111 7.80 -11.37 4.21
C GLY A 111 7.33 -9.94 4.48
N ALA A 112 6.05 -9.78 4.78
CA ALA A 112 5.49 -8.46 5.05
C ALA A 112 5.89 -7.99 6.45
N ASP A 113 6.07 -6.68 6.59
CA ASP A 113 6.43 -6.11 7.88
C ASP A 113 5.19 -6.00 8.76
N ILE A 114 5.36 -5.43 9.93
CA ILE A 114 4.25 -5.22 10.84
C ILE A 114 4.28 -3.74 11.16
N ASP A 115 3.20 -3.05 10.82
CA ASP A 115 3.11 -1.62 11.08
C ASP A 115 2.42 -1.43 12.41
N ALA A 116 3.08 -0.71 13.31
CA ALA A 116 2.54 -0.49 14.64
C ALA A 116 2.66 0.95 15.11
N LEU A 117 1.67 1.37 15.90
CA LEU A 117 1.68 2.72 16.42
C LEU A 117 1.80 2.67 17.94
N CYS A 118 2.84 3.32 18.46
CA CYS A 118 3.04 3.38 19.90
C CYS A 118 2.27 4.60 20.41
N VAL A 119 1.27 4.36 21.25
CA VAL A 119 0.45 5.42 21.81
C VAL A 119 0.80 5.69 23.27
N ALA A 120 1.24 6.91 23.56
CA ALA A 120 1.63 7.27 24.91
C ALA A 120 0.86 8.48 25.45
N PRO A 121 0.83 8.64 26.78
CA PRO A 121 0.14 9.77 27.42
C PRO A 121 0.93 11.06 27.12
N ARG A 122 0.31 12.21 27.37
CA ARG A 122 0.92 13.51 27.07
C ARG A 122 2.30 13.85 27.62
N HIS A 123 2.62 13.40 28.83
CA HIS A 123 3.93 13.71 29.41
C HIS A 123 5.11 13.01 28.74
N VAL A 124 4.84 12.22 27.70
CA VAL A 124 5.90 11.54 26.95
C VAL A 124 6.07 12.30 25.65
N ASP A 125 7.26 12.86 25.44
CA ASP A 125 7.55 13.64 24.24
C ASP A 125 8.09 12.81 23.08
N ARG A 126 7.97 13.36 21.87
CA ARG A 126 8.46 12.70 20.67
C ARG A 126 9.96 12.48 20.76
N SER A 127 10.66 13.45 21.35
CA SER A 127 12.10 13.36 21.50
C SER A 127 12.46 12.16 22.39
N ASP A 128 11.57 11.81 23.33
CA ASP A 128 11.83 10.66 24.20
C ASP A 128 11.74 9.37 23.36
N PHE A 129 10.74 9.32 22.49
CA PHE A 129 10.56 8.15 21.63
C PHE A 129 11.88 7.89 20.90
N PHE A 130 12.44 8.93 20.31
CA PHE A 130 13.68 8.79 19.56
C PHE A 130 14.96 8.75 20.40
N THR A 131 14.83 8.82 21.72
CA THR A 131 16.01 8.74 22.58
C THR A 131 15.95 7.55 23.55
N SER A 132 15.16 7.66 24.62
CA SER A 132 15.08 6.56 25.58
C SER A 132 14.42 5.30 25.03
N PHE A 133 13.34 5.42 24.25
CA PHE A 133 12.71 4.21 23.72
C PHE A 133 13.67 3.54 22.72
N TYR A 134 14.22 4.36 21.83
CA TYR A 134 15.17 3.89 20.83
C TYR A 134 16.28 3.08 21.49
N ASP A 135 16.89 3.64 22.54
CA ASP A 135 17.96 2.96 23.24
C ASP A 135 17.51 1.71 23.98
N LYS A 136 16.25 1.69 24.41
CA LYS A 136 15.73 0.50 25.08
C LYS A 136 15.73 -0.64 24.06
N LEU A 137 15.22 -0.34 22.86
CA LEU A 137 15.16 -1.33 21.78
C LEU A 137 16.55 -1.78 21.36
N LYS A 138 17.48 -0.82 21.34
CA LYS A 138 18.85 -1.10 20.93
C LYS A 138 19.50 -2.23 21.71
N LEU A 139 19.20 -2.34 23.01
CA LEU A 139 19.80 -3.37 23.84
C LEU A 139 19.02 -4.67 23.97
N GLN A 140 17.98 -4.85 23.15
CA GLN A 140 17.20 -6.09 23.20
C GLN A 140 17.90 -7.12 22.31
N GLU A 141 18.02 -8.35 22.80
CA GLU A 141 18.67 -9.41 22.04
C GLU A 141 18.01 -9.72 20.69
N GLU A 142 16.69 -9.59 20.62
CA GLU A 142 15.95 -9.89 19.39
C GLU A 142 16.02 -8.81 18.31
N VAL A 143 16.52 -7.63 18.67
CA VAL A 143 16.58 -6.51 17.73
C VAL A 143 17.85 -6.39 16.87
N LYS A 144 17.64 -6.27 15.56
CA LYS A 144 18.73 -6.10 14.60
C LYS A 144 18.36 -5.02 13.59
N ASP A 145 19.37 -4.36 13.04
CA ASP A 145 19.16 -3.32 12.04
C ASP A 145 18.28 -2.17 12.51
N LEU A 146 18.44 -1.77 13.77
CA LEU A 146 17.67 -0.66 14.32
C LEU A 146 18.05 0.66 13.65
N ARG A 147 17.07 1.33 13.06
CA ARG A 147 17.34 2.59 12.39
C ARG A 147 16.19 3.57 12.61
N ALA A 148 16.53 4.84 12.85
CA ALA A 148 15.53 5.87 13.08
C ALA A 148 15.41 6.82 11.90
N VAL A 149 14.17 7.21 11.59
CA VAL A 149 13.89 8.15 10.50
C VAL A 149 12.97 9.20 11.10
N GLU A 150 13.53 10.02 11.96
CA GLU A 150 12.80 11.05 12.68
C GLU A 150 12.28 12.22 11.82
N GLU A 151 12.91 12.48 10.68
CA GLU A 151 12.50 13.61 9.85
C GLU A 151 11.56 13.31 8.68
N ALA A 152 11.02 12.10 8.61
CA ALA A 152 10.10 11.74 7.53
C ALA A 152 8.73 12.37 7.71
N PHE A 153 7.92 12.35 6.65
CA PHE A 153 6.57 12.89 6.68
C PHE A 153 5.91 12.30 7.92
N VAL A 154 6.16 11.00 8.13
CA VAL A 154 5.64 10.27 9.27
C VAL A 154 6.86 9.68 9.99
N PRO A 155 7.30 10.30 11.09
CA PRO A 155 8.46 9.80 11.84
C PRO A 155 8.29 8.34 12.19
N VAL A 156 9.38 7.58 12.11
CA VAL A 156 9.33 6.16 12.41
C VAL A 156 10.67 5.58 12.85
N ILE A 157 10.60 4.46 13.57
CA ILE A 157 11.77 3.72 14.00
C ILE A 157 11.61 2.37 13.32
N LYS A 158 12.59 1.99 12.51
CA LYS A 158 12.53 0.73 11.80
C LYS A 158 13.51 -0.29 12.41
N LEU A 159 13.09 -1.56 12.44
CA LEU A 159 13.93 -2.60 13.00
C LEU A 159 13.51 -3.99 12.58
N PHE A 161 12.93 -7.48 14.32
CA PHE A 161 12.74 -8.07 15.64
C PHE A 161 12.54 -9.57 15.50
N ASP A 162 13.57 -10.33 15.88
CA ASP A 162 13.51 -11.79 15.83
C ASP A 162 13.14 -12.26 14.42
N GLY A 163 13.69 -11.60 13.40
CA GLY A 163 13.41 -11.99 12.03
C GLY A 163 12.26 -11.28 11.35
N ILE A 164 11.45 -10.53 12.09
CA ILE A 164 10.31 -9.82 11.48
C ILE A 164 10.54 -8.32 11.43
N GLU A 165 10.36 -7.73 10.25
CA GLU A 165 10.52 -6.29 10.08
C GLU A 165 9.38 -5.55 10.77
N ILE A 166 9.72 -4.55 11.57
CA ILE A 166 8.72 -3.77 12.29
C ILE A 166 8.86 -2.28 12.01
N ASP A 167 7.73 -1.63 11.74
CA ASP A 167 7.65 -0.19 11.51
C ASP A 167 6.91 0.35 12.72
N ILE A 168 7.57 1.19 13.53
CA ILE A 168 6.93 1.73 14.72
C ILE A 168 6.76 3.25 14.65
N LEU A 169 5.51 3.71 14.68
CA LEU A 169 5.19 5.14 14.64
C LEU A 169 4.90 5.61 16.06
N PHE A 170 4.84 6.92 16.27
CA PHE A 170 4.58 7.46 17.60
C PHE A 170 3.53 8.58 17.68
N ALA A 171 2.76 8.61 18.77
CA ALA A 171 1.76 9.63 18.99
C ALA A 171 1.52 9.83 20.49
N ARG A 172 1.59 11.08 20.93
CA ARG A 172 1.35 11.40 22.33
C ARG A 172 0.02 12.14 22.42
N LEU A 173 -0.99 11.44 22.94
CA LEU A 173 -2.33 12.01 23.08
C LEU A 173 -2.49 12.87 24.32
N ALA A 174 -3.45 13.80 24.26
CA ALA A 174 -3.73 14.71 25.36
C ALA A 174 -4.50 14.01 26.47
N LEU A 175 -3.91 12.95 27.01
CA LEU A 175 -4.53 12.19 28.09
C LEU A 175 -3.45 11.93 29.13
N GLN A 176 -3.82 11.86 30.40
CA GLN A 176 -2.82 11.60 31.43
C GLN A 176 -2.53 10.11 31.47
N THR A 177 -3.54 9.31 31.11
CA THR A 177 -3.39 7.87 31.07
C THR A 177 -4.05 7.30 29.81
N ILE A 178 -3.52 6.19 29.33
CA ILE A 178 -4.04 5.55 28.13
C ILE A 178 -4.87 4.33 28.52
N PRO A 179 -6.21 4.44 28.48
CA PRO A 179 -7.09 3.31 28.82
C PRO A 179 -6.97 2.15 27.84
N GLU A 180 -7.09 0.93 28.35
CA GLU A 180 -6.99 -0.27 27.51
C GLU A 180 -8.06 -0.35 26.44
N ASP A 181 -9.20 0.27 26.68
CA ASP A 181 -10.30 0.24 25.71
C ASP A 181 -10.32 1.48 24.82
N LEU A 182 -9.22 2.23 24.82
CA LEU A 182 -9.13 3.44 24.01
C LEU A 182 -9.43 3.16 22.53
N ASP A 183 -10.34 3.94 21.95
CA ASP A 183 -10.70 3.79 20.53
C ASP A 183 -10.13 5.01 19.82
N LEU A 184 -9.22 4.77 18.88
CA LEU A 184 -8.59 5.85 18.14
C LEU A 184 -9.44 6.52 17.05
N ARG A 185 -10.64 6.00 16.81
CA ARG A 185 -11.51 6.57 15.78
C ARG A 185 -12.15 7.90 16.19
N ASP A 186 -12.16 8.17 17.49
CA ASP A 186 -12.74 9.40 18.03
C ASP A 186 -12.02 10.63 17.46
N ASP A 187 -12.73 11.44 16.68
CA ASP A 187 -12.14 12.62 16.08
C ASP A 187 -11.58 13.64 17.07
N SER A 188 -12.16 13.70 18.27
CA SER A 188 -11.70 14.67 19.26
C SER A 188 -10.24 14.48 19.64
N LEU A 189 -9.73 13.27 19.47
CA LEU A 189 -8.34 12.96 19.80
C LEU A 189 -7.33 13.78 19.00
N LEU A 190 -7.74 14.25 17.82
CA LEU A 190 -6.82 15.02 16.97
C LEU A 190 -6.73 16.50 17.38
N LYS A 191 -7.64 16.95 18.24
CA LYS A 191 -7.69 18.34 18.70
C LYS A 191 -6.33 18.97 19.01
N ASN A 192 -5.99 19.99 18.23
CA ASN A 192 -4.74 20.73 18.35
C ASN A 192 -3.48 19.93 18.71
N LEU A 193 -3.24 18.86 17.96
CA LEU A 193 -2.05 18.05 18.16
C LEU A 193 -1.08 18.45 17.05
N ASP A 194 0.21 18.27 17.28
CA ASP A 194 1.20 18.60 16.27
C ASP A 194 0.86 17.74 15.04
N ILE A 195 1.13 18.26 13.84
CA ILE A 195 0.83 17.51 12.61
C ILE A 195 1.54 16.17 12.51
N ARG A 196 2.68 16.03 13.17
CA ARG A 196 3.41 14.78 13.13
C ARG A 196 2.60 13.69 13.84
N ILE A 198 -0.78 13.82 14.30
CA ILE A 198 -1.96 13.63 13.48
C ILE A 198 -1.65 12.66 12.34
N ARG A 199 -0.54 12.92 11.64
CA ARG A 199 -0.13 12.07 10.55
C ARG A 199 0.13 10.63 10.99
N SER A 200 0.74 10.48 12.16
CA SER A 200 1.06 9.16 12.70
C SER A 200 -0.16 8.37 13.14
N LEU A 201 -1.29 9.05 13.32
CA LEU A 201 -2.52 8.38 13.74
C LEU A 201 -3.42 7.92 12.58
N ASN A 202 -3.25 8.54 11.41
CA ASN A 202 -4.09 8.21 10.26
C ASN A 202 -4.17 6.74 9.86
N GLY A 203 -3.02 6.06 9.82
CA GLY A 203 -2.99 4.65 9.46
C GLY A 203 -3.89 3.77 10.30
N CYS A 204 -3.78 3.89 11.63
CA CYS A 204 -4.60 3.11 12.54
C CYS A 204 -6.08 3.45 12.40
N ARG A 205 -6.37 4.73 12.22
CA ARG A 205 -7.76 5.17 12.08
C ARG A 205 -8.40 4.64 10.80
N VAL A 206 -7.67 4.68 9.68
CA VAL A 206 -8.20 4.19 8.41
C VAL A 206 -8.48 2.68 8.50
N THR A 207 -7.53 1.91 9.02
CA THR A 207 -7.71 0.46 9.14
C THR A 207 -8.87 0.11 10.07
N ASP A 208 -8.96 0.79 11.21
CA ASP A 208 -10.05 0.51 12.15
C ASP A 208 -11.41 0.87 11.55
N GLU A 209 -11.45 1.96 10.78
CA GLU A 209 -12.71 2.38 10.15
C GLU A 209 -13.14 1.30 9.17
N ILE A 210 -12.21 0.87 8.33
CA ILE A 210 -12.50 -0.17 7.34
C ILE A 210 -13.05 -1.43 7.99
N LEU A 211 -12.42 -1.87 9.08
CA LEU A 211 -12.88 -3.07 9.77
C LEU A 211 -14.29 -2.93 10.37
N HIS A 212 -14.68 -1.70 10.68
CA HIS A 212 -16.01 -1.45 11.24
C HIS A 212 -17.02 -1.03 10.17
N LEU A 213 -16.60 -1.03 8.90
CA LEU A 213 -17.48 -0.63 7.81
C LEU A 213 -17.95 -1.76 6.90
N VAL A 214 -17.54 -3.00 7.19
CA VAL A 214 -17.95 -4.14 6.38
C VAL A 214 -18.88 -5.02 7.21
N PRO A 215 -19.90 -5.61 6.58
CA PRO A 215 -20.83 -6.47 7.34
C PRO A 215 -20.24 -7.76 7.88
N ASN A 216 -19.26 -8.33 7.19
CA ASN A 216 -18.65 -9.59 7.62
C ASN A 216 -17.15 -9.55 7.37
N ILE A 217 -16.39 -9.45 8.45
CA ILE A 217 -14.94 -9.35 8.38
C ILE A 217 -14.27 -10.55 7.72
N ASP A 218 -14.68 -11.77 8.08
CA ASP A 218 -14.10 -12.97 7.49
C ASP A 218 -14.31 -13.03 5.98
N ASN A 219 -15.53 -12.72 5.53
CA ASN A 219 -15.82 -12.75 4.10
C ASN A 219 -15.01 -11.69 3.37
N PHE A 220 -14.88 -10.53 4.01
CA PHE A 220 -14.13 -9.41 3.47
C PHE A 220 -12.64 -9.81 3.34
N ARG A 221 -12.10 -10.43 4.38
CA ARG A 221 -10.69 -10.84 4.40
C ARG A 221 -10.32 -11.80 3.27
N LEU A 222 -11.06 -12.89 3.12
CA LEU A 222 -10.78 -13.86 2.09
C LEU A 222 -10.86 -13.22 0.71
N THR A 223 -11.84 -12.35 0.50
CA THR A 223 -11.99 -11.68 -0.79
C THR A 223 -10.77 -10.81 -1.09
N LEU A 224 -10.30 -10.06 -0.09
CA LEU A 224 -9.15 -9.18 -0.27
C LEU A 224 -7.87 -9.97 -0.58
N ARG A 225 -7.69 -11.13 0.06
CA ARG A 225 -6.51 -11.95 -0.23
C ARG A 225 -6.50 -12.27 -1.71
N ALA A 226 -7.68 -12.64 -2.21
CA ALA A 226 -7.86 -12.99 -3.62
C ALA A 226 -7.57 -11.81 -4.54
N ILE A 227 -8.21 -10.68 -4.28
CA ILE A 227 -8.05 -9.50 -5.11
C ILE A 227 -6.61 -8.98 -5.14
N LYS A 228 -5.94 -8.95 -3.99
CA LYS A 228 -4.56 -8.47 -3.96
C LYS A 228 -3.62 -9.36 -4.77
N LEU A 229 -3.83 -10.67 -4.73
CA LEU A 229 -2.98 -11.59 -5.49
C LEU A 229 -3.25 -11.36 -6.98
N TRP A 230 -4.52 -11.25 -7.33
CA TRP A 230 -4.92 -11.03 -8.71
C TRP A 230 -4.27 -9.75 -9.27
N ALA A 231 -4.31 -8.68 -8.48
CA ALA A 231 -3.75 -7.39 -8.90
C ALA A 231 -2.24 -7.47 -9.14
N LYS A 232 -1.53 -8.12 -8.21
CA LYS A 232 -0.09 -8.25 -8.36
C LYS A 232 0.23 -9.07 -9.61
N ARG A 233 -0.48 -10.19 -9.76
CA ARG A 233 -0.26 -11.08 -10.90
C ARG A 233 -0.60 -10.42 -12.22
N HIS A 234 -1.38 -9.34 -12.17
CA HIS A 234 -1.75 -8.67 -13.40
C HIS A 234 -1.07 -7.33 -13.62
N ASN A 235 0.04 -7.15 -12.92
CA ASN A 235 0.88 -5.97 -13.06
C ASN A 235 0.22 -4.61 -12.80
N ILE A 236 -0.69 -4.55 -11.84
CA ILE A 236 -1.35 -3.28 -11.51
C ILE A 236 -1.36 -3.05 -10.00
N TYR A 237 -0.33 -3.55 -9.34
CA TYR A 237 -0.22 -3.37 -7.90
C TYR A 237 0.96 -2.46 -7.57
N SER A 238 0.65 -1.20 -7.28
CA SER A 238 1.66 -0.20 -6.92
C SER A 238 1.07 1.20 -6.80
N ASN A 239 1.11 1.77 -5.60
CA ASN A 239 0.60 3.12 -5.42
C ASN A 239 1.59 4.13 -6.00
N ILE A 240 2.88 3.89 -5.76
CA ILE A 240 3.92 4.78 -6.25
C ILE A 240 3.89 4.99 -7.77
N LEU A 241 3.61 3.94 -8.53
CA LEU A 241 3.58 4.06 -9.98
C LEU A 241 2.23 4.42 -10.60
N GLY A 242 1.30 4.90 -9.77
CA GLY A 242 0.01 5.29 -10.31
C GLY A 242 -1.08 4.23 -10.37
N PHE A 243 -0.84 3.08 -9.78
CA PHE A 243 -1.86 2.03 -9.74
C PHE A 243 -2.43 2.05 -8.33
N LEU A 244 -2.85 0.90 -7.81
CA LEU A 244 -3.40 0.85 -6.47
C LEU A 244 -2.48 0.14 -5.47
N GLY A 245 -2.47 0.65 -4.23
CA GLY A 245 -1.67 0.05 -3.18
C GLY A 245 -2.58 -0.79 -2.29
N GLY A 246 -2.00 -1.41 -1.26
CA GLY A 246 -2.77 -2.24 -0.35
C GLY A 246 -4.04 -1.63 0.23
N VAL A 247 -3.93 -0.43 0.79
CA VAL A 247 -5.08 0.23 1.39
C VAL A 247 -6.18 0.48 0.37
N SER A 248 -5.80 0.94 -0.82
CA SER A 248 -6.80 1.21 -1.85
C SER A 248 -7.56 -0.03 -2.28
N TRP A 249 -6.86 -1.16 -2.43
CA TRP A 249 -7.54 -2.40 -2.81
C TRP A 249 -8.49 -2.84 -1.70
N ALA A 250 -8.07 -2.64 -0.44
CA ALA A 250 -8.92 -3.01 0.69
C ALA A 250 -10.20 -2.19 0.72
N MET A 251 -10.12 -0.90 0.34
CA MET A 251 -11.31 -0.07 0.33
C MET A 251 -12.27 -0.45 -0.80
N LEU A 252 -11.72 -0.86 -1.95
CA LEU A 252 -12.58 -1.29 -3.06
C LEU A 252 -13.28 -2.61 -2.68
N VAL A 253 -12.55 -3.52 -2.05
CA VAL A 253 -13.14 -4.79 -1.61
C VAL A 253 -14.22 -4.52 -0.58
N ALA A 254 -13.94 -3.60 0.35
CA ALA A 254 -14.90 -3.24 1.39
C ALA A 254 -16.20 -2.69 0.79
N ARG A 255 -16.08 -1.83 -0.22
CA ARG A 255 -17.27 -1.27 -0.85
C ARG A 255 -18.11 -2.42 -1.44
N THR A 256 -17.43 -3.35 -2.12
CA THR A 256 -18.11 -4.51 -2.72
C THR A 256 -18.87 -5.30 -1.65
N CYS A 257 -18.22 -5.50 -0.50
CA CYS A 257 -18.83 -6.24 0.59
C CYS A 257 -20.08 -5.54 1.12
N GLN A 258 -20.06 -4.20 1.14
CA GLN A 258 -21.21 -3.43 1.63
C GLN A 258 -22.42 -3.60 0.71
N LEU A 259 -22.15 -3.81 -0.57
CA LEU A 259 -23.21 -3.98 -1.57
C LEU A 259 -23.80 -5.39 -1.63
N TYR A 260 -23.10 -6.36 -1.06
CA TYR A 260 -23.56 -7.76 -1.03
C TYR A 260 -23.19 -8.28 0.36
N PRO A 261 -23.88 -7.78 1.40
CA PRO A 261 -23.68 -8.13 2.81
C PRO A 261 -23.73 -9.59 3.25
N ASN A 262 -24.46 -10.43 2.52
CA ASN A 262 -24.57 -11.83 2.89
C ASN A 262 -23.84 -12.79 1.96
N ALA A 263 -23.10 -12.24 1.01
CA ALA A 263 -22.35 -13.08 0.07
C ALA A 263 -21.04 -13.57 0.67
N ILE A 264 -20.55 -14.71 0.17
CA ILE A 264 -19.28 -15.24 0.61
C ILE A 264 -18.23 -14.99 -0.46
N ALA A 265 -16.96 -15.20 -0.11
CA ALA A 265 -15.84 -14.90 -1.01
C ALA A 265 -15.97 -15.19 -2.51
N SER A 266 -16.37 -16.41 -2.89
CA SER A 266 -16.48 -16.70 -4.32
C SER A 266 -17.39 -15.71 -5.06
N THR A 267 -18.53 -15.37 -4.45
CA THR A 267 -19.45 -14.42 -5.07
C THR A 267 -18.90 -12.98 -5.03
N LEU A 268 -18.30 -12.61 -3.89
CA LEU A 268 -17.73 -11.27 -3.72
C LEU A 268 -16.61 -10.97 -4.70
N VAL A 269 -15.79 -11.97 -5.02
CA VAL A 269 -14.70 -11.78 -5.97
C VAL A 269 -15.29 -11.49 -7.35
N HIS A 270 -16.36 -12.20 -7.69
CA HIS A 270 -17.00 -12.01 -8.98
C HIS A 270 -17.69 -10.65 -9.03
N LYS A 271 -18.40 -10.30 -7.96
CA LYS A 271 -19.10 -9.03 -7.91
C LYS A 271 -18.11 -7.86 -7.91
N PHE A 272 -16.93 -8.08 -7.36
CA PHE A 272 -15.89 -7.06 -7.34
C PHE A 272 -15.60 -6.59 -8.77
N PHE A 273 -15.48 -7.53 -9.70
CA PHE A 273 -15.20 -7.19 -11.08
C PHE A 273 -16.42 -6.61 -11.79
N LEU A 274 -17.61 -7.08 -11.41
CA LEU A 274 -18.85 -6.59 -11.99
C LEU A 274 -19.01 -5.11 -11.64
N VAL A 275 -18.92 -4.82 -10.35
CA VAL A 275 -19.06 -3.45 -9.88
C VAL A 275 -18.00 -2.48 -10.41
N PHE A 276 -16.73 -2.82 -10.28
CA PHE A 276 -15.70 -1.88 -10.73
C PHE A 276 -15.35 -1.82 -12.20
N SER A 277 -15.68 -2.86 -12.96
CA SER A 277 -15.42 -2.79 -14.40
C SER A 277 -16.46 -1.83 -15.01
N LYS A 278 -17.58 -1.65 -14.33
CA LYS A 278 -18.67 -0.80 -14.81
C LYS A 278 -18.76 0.53 -14.06
N TRP A 279 -17.85 0.77 -13.12
CA TRP A 279 -17.86 1.99 -12.32
C TRP A 279 -17.66 3.22 -13.21
N GLU A 280 -18.44 4.26 -12.93
CA GLU A 280 -18.38 5.48 -13.71
C GLU A 280 -17.38 6.51 -13.15
N TRP A 281 -16.10 6.31 -13.44
CA TRP A 281 -15.08 7.25 -12.98
C TRP A 281 -15.35 8.58 -13.68
N PRO A 282 -15.03 9.71 -13.05
CA PRO A 282 -14.41 9.83 -11.73
C PRO A 282 -15.32 9.87 -10.51
N ASN A 283 -16.49 9.23 -10.56
CA ASN A 283 -17.36 9.21 -9.38
C ASN A 283 -16.49 8.58 -8.27
N PRO A 284 -16.46 9.18 -7.07
CA PRO A 284 -15.64 8.66 -5.97
C PRO A 284 -16.14 7.43 -5.23
N VAL A 285 -15.20 6.61 -4.77
CA VAL A 285 -15.56 5.44 -3.98
C VAL A 285 -15.51 5.88 -2.52
N LEU A 286 -16.66 5.90 -1.86
CA LEU A 286 -16.77 6.31 -0.47
C LEU A 286 -17.30 5.14 0.37
N LEU A 287 -16.77 4.98 1.57
CA LEU A 287 -17.22 3.90 2.45
C LEU A 287 -18.24 4.40 3.47
N LYS A 288 -18.27 5.72 3.66
CA LYS A 288 -19.21 6.34 4.60
C LYS A 288 -19.39 7.82 4.26
N GLN A 289 -20.43 8.43 4.83
CA GLN A 289 -20.68 9.85 4.61
C GLN A 289 -19.68 10.69 5.38
N PRO A 290 -18.96 11.57 4.70
CA PRO A 290 -17.97 12.42 5.39
C PRO A 290 -18.64 13.51 6.21
N GLU A 291 -18.08 13.77 7.39
CA GLU A 291 -18.59 14.81 8.27
C GLU A 291 -17.63 15.99 8.24
N GLU A 292 -18.16 17.17 8.55
CA GLU A 292 -17.34 18.38 8.58
C GLU A 292 -16.73 18.59 9.96
N CYS A 293 -15.42 18.80 10.02
CA CYS A 293 -14.74 19.02 11.29
C CYS A 293 -13.95 20.33 11.27
N ASN A 294 -14.11 21.11 12.34
CA ASN A 294 -13.46 22.41 12.50
C ASN A 294 -11.96 22.50 12.22
N LEU A 295 -11.24 21.43 12.49
CA LEU A 295 -9.80 21.42 12.28
C LEU A 295 -9.44 21.89 10.86
N ASN A 296 -8.25 22.44 10.69
CA ASN A 296 -7.83 22.92 9.37
C ASN A 296 -6.86 21.94 8.72
N LEU A 297 -7.35 20.73 8.47
CA LEU A 297 -6.53 19.71 7.84
C LEU A 297 -6.99 19.51 6.40
N PRO A 298 -6.08 19.07 5.51
CA PRO A 298 -6.46 18.86 4.10
C PRO A 298 -7.57 17.81 4.02
N VAL A 299 -8.67 18.16 3.35
CA VAL A 299 -9.79 17.26 3.19
C VAL A 299 -10.22 17.23 1.73
N TRP A 300 -10.20 16.05 1.11
CA TRP A 300 -10.60 15.90 -0.29
C TRP A 300 -12.07 16.26 -0.42
N ASP A 301 -12.37 17.22 -1.30
CA ASP A 301 -13.76 17.64 -1.48
C ASP A 301 -13.88 18.58 -2.68
N PRO A 302 -14.24 18.03 -3.85
CA PRO A 302 -14.42 18.74 -5.12
C PRO A 302 -15.37 19.93 -5.05
N ARG A 303 -16.32 19.90 -4.11
CA ARG A 303 -17.26 21.01 -3.99
C ARG A 303 -16.57 22.30 -3.55
N VAL A 304 -15.56 22.19 -2.68
CA VAL A 304 -14.86 23.38 -2.20
C VAL A 304 -13.40 23.51 -2.65
N ASN A 305 -12.88 22.47 -3.30
CA ASN A 305 -11.51 22.50 -3.79
C ASN A 305 -11.46 22.12 -5.27
N PRO A 306 -11.39 23.12 -6.16
CA PRO A 306 -11.34 22.89 -7.61
C PRO A 306 -10.22 21.96 -8.05
N SER A 307 -9.16 21.89 -7.26
CA SER A 307 -8.05 21.02 -7.59
C SER A 307 -8.45 19.54 -7.55
N ASP A 308 -9.35 19.18 -6.65
CA ASP A 308 -9.79 17.78 -6.51
C ASP A 308 -10.64 17.30 -7.68
N ARG A 309 -11.17 18.24 -8.46
CA ARG A 309 -12.02 17.92 -9.60
C ARG A 309 -11.25 17.26 -10.75
N TYR A 310 -9.93 17.38 -10.74
CA TYR A 310 -9.10 16.78 -11.78
C TYR A 310 -8.77 15.31 -11.52
N HIS A 311 -8.94 14.84 -10.28
CA HIS A 311 -8.63 13.44 -9.95
C HIS A 311 -9.48 12.50 -10.82
N LEU A 312 -8.82 11.49 -11.37
CA LEU A 312 -9.46 10.55 -12.29
C LEU A 312 -10.09 9.27 -11.75
N MET A 313 -9.65 8.81 -10.59
CA MET A 313 -10.17 7.55 -10.04
C MET A 313 -10.06 7.63 -8.52
N PRO A 314 -10.87 8.48 -7.89
CA PRO A 314 -10.89 8.70 -6.43
C PRO A 314 -11.41 7.57 -5.54
N ILE A 315 -10.60 7.19 -4.57
CA ILE A 315 -10.92 6.17 -3.59
C ILE A 315 -10.53 6.84 -2.26
N ILE A 316 -11.55 7.36 -1.60
CA ILE A 316 -11.42 8.13 -0.37
C ILE A 316 -11.32 7.39 0.96
N THR A 317 -10.28 7.72 1.74
CA THR A 317 -10.10 7.10 3.07
C THR A 317 -11.24 7.63 3.94
N PRO A 318 -11.87 6.73 4.74
CA PRO A 318 -13.00 7.05 5.61
C PRO A 318 -12.80 7.84 6.91
N ALA A 319 -11.57 7.94 7.40
CA ALA A 319 -11.34 8.67 8.64
C ALA A 319 -10.96 10.12 8.37
N TYR A 320 -11.46 11.03 9.22
CA TYR A 320 -11.11 12.43 9.08
C TYR A 320 -9.63 12.58 9.42
N PRO A 321 -8.86 13.31 8.62
CA PRO A 321 -9.24 14.02 7.39
C PRO A 321 -9.21 13.07 6.20
N GLN A 322 -10.32 12.97 5.48
CA GLN A 322 -10.39 12.06 4.34
C GLN A 322 -9.55 12.54 3.16
N GLN A 323 -8.86 11.59 2.52
CA GLN A 323 -8.00 11.90 1.40
C GLN A 323 -8.22 10.93 0.25
N ASN A 324 -7.79 11.32 -0.94
CA ASN A 324 -7.89 10.49 -2.12
C ASN A 324 -6.62 9.61 -2.10
N SER A 325 -6.81 8.33 -1.82
CA SER A 325 -5.70 7.38 -1.73
C SER A 325 -5.07 7.09 -3.10
N THR A 326 -5.76 7.46 -4.16
CA THR A 326 -5.28 7.21 -5.52
C THR A 326 -5.13 8.45 -6.39
N TYR A 327 -4.67 9.55 -5.83
CA TYR A 327 -4.51 10.73 -6.65
C TYR A 327 -3.35 10.65 -7.65
N ASN A 328 -2.55 9.59 -7.58
CA ASN A 328 -1.43 9.36 -8.51
C ASN A 328 -1.91 8.74 -9.83
N VAL A 329 -3.15 8.26 -9.86
CA VAL A 329 -3.69 7.65 -11.07
C VAL A 329 -3.75 8.63 -12.24
N SER A 330 -3.28 8.20 -13.39
CA SER A 330 -3.29 9.03 -14.60
C SER A 330 -4.13 8.35 -15.66
N VAL A 331 -4.35 9.04 -16.78
CA VAL A 331 -5.15 8.48 -17.87
C VAL A 331 -4.68 7.09 -18.27
N SER A 332 -3.37 6.89 -18.35
CA SER A 332 -2.80 5.59 -18.72
C SER A 332 -3.12 4.47 -17.76
N THR A 333 -2.79 4.66 -16.48
CA THR A 333 -3.03 3.61 -15.49
C THR A 333 -4.52 3.30 -15.31
N ARG A 334 -5.36 4.33 -15.28
CA ARG A 334 -6.80 4.11 -15.13
C ARG A 334 -7.29 3.25 -16.29
N MET A 335 -6.88 3.63 -17.50
CA MET A 335 -7.26 2.92 -18.71
C MET A 335 -6.83 1.46 -18.65
N VAL A 336 -5.63 1.22 -18.12
CA VAL A 336 -5.12 -0.15 -17.99
C VAL A 336 -5.96 -0.95 -17.00
N MET A 337 -6.22 -0.37 -15.84
CA MET A 337 -6.99 -1.07 -14.81
C MET A 337 -8.45 -1.33 -15.22
N VAL A 338 -9.05 -0.42 -15.95
CA VAL A 338 -10.43 -0.62 -16.40
C VAL A 338 -10.50 -1.87 -17.26
N GLU A 339 -9.56 -2.00 -18.19
CA GLU A 339 -9.49 -3.16 -19.07
C GLU A 339 -9.24 -4.44 -18.27
N GLU A 340 -8.41 -4.36 -17.23
CA GLU A 340 -8.14 -5.55 -16.41
C GLU A 340 -9.40 -6.00 -15.66
N PHE A 341 -10.19 -5.05 -15.17
CA PHE A 341 -11.41 -5.39 -14.45
C PHE A 341 -12.38 -6.12 -15.38
N LYS A 342 -12.43 -5.68 -16.65
CA LYS A 342 -13.30 -6.32 -17.63
C LYS A 342 -12.87 -7.76 -17.91
N GLN A 343 -11.57 -7.97 -18.07
CA GLN A 343 -11.05 -9.31 -18.33
C GLN A 343 -11.28 -10.18 -17.08
N GLY A 344 -11.20 -9.57 -15.90
CA GLY A 344 -11.41 -10.31 -14.67
C GLY A 344 -12.84 -10.80 -14.57
N LEU A 345 -13.78 -9.93 -14.95
CA LEU A 345 -15.19 -10.27 -14.90
C LEU A 345 -15.48 -11.46 -15.82
N ALA A 346 -14.93 -11.42 -17.03
CA ALA A 346 -15.12 -12.49 -18.00
C ALA A 346 -14.68 -13.84 -17.46
N ILE A 347 -13.51 -13.87 -16.83
CA ILE A 347 -12.99 -15.11 -16.28
C ILE A 347 -13.85 -15.62 -15.13
N THR A 348 -14.31 -14.74 -14.25
CA THR A 348 -15.16 -15.19 -13.15
C THR A 348 -16.52 -15.67 -13.66
N ASP A 349 -17.00 -15.13 -14.78
CA ASP A 349 -18.28 -15.58 -15.33
C ASP A 349 -18.13 -17.04 -15.71
N GLU A 350 -17.00 -17.36 -16.32
CA GLU A 350 -16.72 -18.72 -16.75
C GLU A 350 -16.64 -19.65 -15.53
N ILE A 351 -15.92 -19.21 -14.51
CA ILE A 351 -15.76 -20.00 -13.28
C ILE A 351 -17.12 -20.33 -12.65
N LEU A 352 -18.01 -19.34 -12.62
CA LEU A 352 -19.34 -19.57 -12.05
C LEU A 352 -20.14 -20.56 -12.87
N LEU A 353 -19.78 -20.71 -14.14
CA LEU A 353 -20.47 -21.64 -15.02
C LEU A 353 -19.73 -22.97 -15.09
N SER A 354 -18.66 -23.08 -14.31
CA SER A 354 -17.83 -24.28 -14.28
C SER A 354 -17.15 -24.53 -15.62
N LYS A 355 -16.83 -23.45 -16.32
CA LYS A 355 -16.17 -23.56 -17.62
C LYS A 355 -14.69 -23.20 -17.48
N ALA A 356 -14.27 -22.93 -16.24
CA ALA A 356 -12.89 -22.57 -15.93
C ALA A 356 -12.65 -22.73 -14.43
N GLU A 357 -11.39 -22.89 -14.05
CA GLU A 357 -11.01 -23.04 -12.65
C GLU A 357 -10.47 -21.71 -12.11
N TRP A 358 -10.46 -21.56 -10.79
CA TRP A 358 -9.94 -20.35 -10.17
C TRP A 358 -8.50 -20.08 -10.61
N SER A 359 -7.78 -21.12 -10.97
CA SER A 359 -6.39 -20.98 -11.39
C SER A 359 -6.24 -20.07 -12.60
N LYS A 360 -7.28 -19.99 -13.44
CA LYS A 360 -7.21 -19.14 -14.61
C LYS A 360 -7.20 -17.66 -14.26
N LEU A 361 -7.88 -17.30 -13.17
CA LEU A 361 -7.95 -15.91 -12.72
C LEU A 361 -6.60 -15.41 -12.22
N PHE A 362 -5.81 -16.32 -11.65
CA PHE A 362 -4.51 -15.93 -11.11
C PHE A 362 -3.34 -16.22 -12.05
N GLU A 363 -3.64 -16.46 -13.33
CA GLU A 363 -2.60 -16.69 -14.31
C GLU A 363 -1.96 -15.34 -14.60
N ALA A 364 -0.63 -15.28 -14.56
CA ALA A 364 0.08 -14.04 -14.84
C ALA A 364 0.46 -14.00 -16.31
N PRO A 365 -0.39 -13.39 -17.16
CA PRO A 365 -0.10 -13.29 -18.59
C PRO A 365 1.30 -12.75 -18.84
N ASN A 366 1.84 -13.03 -20.03
CA ASN A 366 3.17 -12.55 -20.36
C ASN A 366 3.11 -11.07 -20.73
N PHE A 367 3.53 -10.23 -19.79
CA PHE A 367 3.54 -8.79 -20.00
C PHE A 367 4.41 -8.46 -21.21
N PHE A 368 5.50 -9.21 -21.36
CA PHE A 368 6.44 -9.00 -22.45
C PHE A 368 5.89 -9.36 -23.83
N GLN A 369 4.58 -9.60 -23.91
CA GLN A 369 3.96 -9.92 -25.18
C GLN A 369 2.61 -9.25 -25.40
N LYS A 370 2.07 -8.57 -24.39
CA LYS A 370 0.78 -7.93 -24.58
C LYS A 370 0.80 -6.61 -25.34
N TYR A 371 1.99 -6.02 -25.51
CA TYR A 371 2.10 -4.76 -26.23
C TYR A 371 3.05 -4.89 -27.43
N LYS A 372 2.83 -4.04 -28.44
CA LYS A 372 3.65 -4.08 -29.65
C LYS A 372 4.95 -3.31 -29.49
N HIS A 373 4.95 -2.32 -28.61
CA HIS A 373 6.13 -1.50 -28.37
C HIS A 373 6.41 -1.38 -26.87
N TYR A 374 7.69 -1.24 -26.54
CA TYR A 374 8.11 -1.13 -25.15
C TYR A 374 9.27 -0.16 -24.97
N ILE A 375 9.49 0.23 -23.72
CA ILE A 375 10.60 1.09 -23.38
C ILE A 375 11.28 0.34 -22.24
N VAL A 376 12.59 0.21 -22.31
CA VAL A 376 13.33 -0.47 -21.27
C VAL A 376 14.12 0.57 -20.49
N LEU A 377 13.95 0.54 -19.17
CA LEU A 377 14.62 1.49 -18.28
C LEU A 377 15.69 0.79 -17.48
N LEU A 378 16.92 1.28 -17.59
CA LEU A 378 18.06 0.71 -16.88
C LEU A 378 18.66 1.63 -15.84
N ALA A 379 18.88 1.07 -14.65
CA ALA A 379 19.47 1.80 -13.54
C ALA A 379 20.56 0.92 -12.95
N SER A 380 21.72 1.52 -12.69
CA SER A 380 22.83 0.77 -12.13
C SER A 380 23.69 1.64 -11.22
N ALA A 381 24.46 1.00 -10.35
CA ALA A 381 25.33 1.70 -9.42
C ALA A 381 26.61 0.87 -9.20
N PRO A 382 27.64 1.49 -8.60
CA PRO A 382 28.89 0.76 -8.35
C PRO A 382 28.80 -0.33 -7.29
N THR A 383 27.91 -0.16 -6.32
CA THR A 383 27.73 -1.15 -5.26
C THR A 383 26.26 -1.51 -5.05
N GLU A 384 26.02 -2.69 -4.48
CA GLU A 384 24.66 -3.15 -4.23
C GLU A 384 23.93 -2.19 -3.30
N LYS A 385 24.66 -1.58 -2.37
CA LYS A 385 24.06 -0.64 -1.44
C LYS A 385 23.55 0.60 -2.18
N GLN A 386 24.34 1.08 -3.13
CA GLN A 386 23.97 2.25 -3.90
C GLN A 386 22.89 1.92 -4.92
N ARG A 387 22.85 0.68 -5.38
CA ARG A 387 21.84 0.25 -6.34
C ARG A 387 20.48 0.39 -5.67
N LEU A 388 20.36 -0.13 -4.45
CA LEU A 388 19.12 -0.07 -3.71
C LEU A 388 18.60 1.36 -3.54
N GLU A 389 19.49 2.27 -3.17
CA GLU A 389 19.10 3.67 -2.98
C GLU A 389 18.71 4.33 -4.31
N TRP A 390 19.53 4.09 -5.33
CA TRP A 390 19.31 4.64 -6.67
C TRP A 390 17.97 4.19 -7.24
N VAL A 391 17.73 2.89 -7.25
CA VAL A 391 16.50 2.33 -7.79
C VAL A 391 15.25 2.91 -7.13
N GLY A 392 15.35 3.20 -5.83
CA GLY A 392 14.22 3.78 -5.14
C GLY A 392 13.94 5.17 -5.69
N LEU A 393 15.01 5.94 -5.88
CA LEU A 393 14.88 7.29 -6.42
C LEU A 393 14.30 7.28 -7.84
N VAL A 394 14.83 6.41 -8.69
CA VAL A 394 14.36 6.31 -10.06
C VAL A 394 12.89 5.90 -10.14
N GLU A 395 12.49 4.93 -9.33
CA GLU A 395 11.11 4.47 -9.32
C GLU A 395 10.16 5.62 -9.00
N SER A 396 10.57 6.51 -8.10
CA SER A 396 9.75 7.64 -7.71
C SER A 396 9.60 8.70 -8.80
N LYS A 397 10.40 8.59 -9.85
CA LYS A 397 10.37 9.56 -10.96
C LYS A 397 9.70 9.03 -12.23
N ILE A 398 9.52 7.71 -12.31
CA ILE A 398 8.94 7.11 -13.50
C ILE A 398 7.63 7.72 -14.00
N ARG A 399 6.79 8.21 -13.10
CA ARG A 399 5.54 8.78 -13.58
C ARG A 399 5.78 10.05 -14.39
N ILE A 400 6.95 10.65 -14.20
CA ILE A 400 7.30 11.85 -14.96
C ILE A 400 7.38 11.48 -16.44
N LEU A 401 8.01 10.33 -16.72
CA LEU A 401 8.14 9.84 -18.10
C LEU A 401 6.76 9.51 -18.65
N VAL A 402 5.96 8.79 -17.85
CA VAL A 402 4.62 8.42 -18.28
C VAL A 402 3.83 9.69 -18.59
N GLY A 403 3.94 10.68 -17.71
CA GLY A 403 3.25 11.94 -17.91
C GLY A 403 3.61 12.59 -19.24
N SER A 404 4.90 12.69 -19.54
CA SER A 404 5.31 13.31 -20.79
C SER A 404 4.87 12.46 -21.98
N LEU A 405 4.87 11.15 -21.82
CA LEU A 405 4.44 10.25 -22.89
C LEU A 405 2.96 10.43 -23.22
N GLU A 406 2.17 10.79 -22.21
CA GLU A 406 0.75 11.00 -22.42
C GLU A 406 0.51 12.28 -23.19
N LYS A 407 1.47 13.20 -23.15
CA LYS A 407 1.36 14.47 -23.87
C LYS A 407 1.75 14.28 -25.33
N ASN A 408 2.36 13.14 -25.63
CA ASN A 408 2.79 12.83 -26.99
C ASN A 408 1.57 12.47 -27.85
N GLU A 409 1.39 13.20 -28.94
CA GLU A 409 0.27 13.00 -29.85
C GLU A 409 0.09 11.58 -30.39
N PHE A 410 1.16 10.79 -30.41
CA PHE A 410 1.08 9.43 -30.94
C PHE A 410 0.82 8.34 -29.90
N ILE A 411 0.79 8.71 -28.63
CA ILE A 411 0.58 7.75 -27.55
C ILE A 411 -0.85 7.63 -27.03
N THR A 412 -1.31 6.39 -26.85
CA THR A 412 -2.62 6.17 -26.27
C THR A 412 -2.38 5.94 -24.78
N LEU A 413 -1.39 5.13 -24.45
CA LEU A 413 -1.05 4.85 -23.06
C LEU A 413 0.32 4.20 -22.86
N ALA A 414 0.83 4.34 -21.63
CA ALA A 414 2.12 3.77 -21.23
C ALA A 414 1.83 2.95 -19.99
N HIS A 415 2.18 1.66 -20.01
CA HIS A 415 1.92 0.78 -18.88
C HIS A 415 3.22 0.30 -18.23
N VAL A 416 3.55 0.89 -17.09
CA VAL A 416 4.75 0.52 -16.36
C VAL A 416 4.53 -0.77 -15.56
N ASN A 417 5.33 -1.79 -15.81
CA ASN A 417 5.21 -3.05 -15.06
C ASN A 417 5.86 -2.75 -13.70
N PRO A 418 5.05 -2.63 -12.62
CA PRO A 418 5.57 -2.34 -11.28
C PRO A 418 6.72 -3.19 -10.77
N GLN A 419 6.84 -4.41 -11.27
CA GLN A 419 7.92 -5.27 -10.80
C GLN A 419 9.19 -5.17 -11.63
N SER A 420 10.23 -4.60 -11.02
CA SER A 420 11.50 -4.46 -11.70
C SER A 420 12.28 -5.74 -11.43
N PHE A 421 13.41 -5.91 -12.12
CA PHE A 421 14.23 -7.09 -11.94
C PHE A 421 15.66 -6.89 -12.40
N PRO A 422 16.57 -7.80 -11.98
CA PRO A 422 17.98 -7.72 -12.37
C PRO A 422 18.16 -7.65 -13.87
N ALA A 423 18.90 -6.65 -14.33
CA ALA A 423 19.14 -6.45 -15.75
C ALA A 423 20.37 -7.23 -16.21
N PRO A 424 20.42 -7.60 -17.50
CA PRO A 424 21.55 -8.34 -18.07
C PRO A 424 22.87 -7.63 -17.84
N LYS A 425 23.96 -8.37 -17.98
CA LYS A 425 25.30 -7.82 -17.79
C LYS A 425 25.72 -6.94 -18.96
N GLU A 426 26.74 -6.12 -18.74
CA GLU A 426 27.24 -5.24 -19.79
C GLU A 426 28.76 -5.39 -19.82
N ASN A 427 29.35 -5.43 -18.63
CA ASN A 427 30.79 -5.60 -18.46
C ASN A 427 31.02 -6.99 -17.89
N PRO A 428 31.50 -7.93 -18.71
CA PRO A 428 31.77 -9.31 -18.27
C PRO A 428 32.96 -9.46 -17.34
N ASP A 429 33.81 -8.43 -17.30
CA ASP A 429 35.02 -8.46 -16.46
C ASP A 429 34.77 -8.10 -15.00
N LYS A 430 33.77 -7.28 -14.73
CA LYS A 430 33.47 -6.88 -13.37
C LYS A 430 32.04 -7.21 -12.98
N GLU A 431 31.79 -7.29 -11.68
CA GLU A 431 30.44 -7.58 -11.19
C GLU A 431 29.60 -6.32 -11.30
N GLU A 432 28.33 -6.48 -11.66
CA GLU A 432 27.45 -5.34 -11.82
C GLU A 432 26.22 -5.39 -10.94
N PHE A 433 25.71 -4.20 -10.62
CA PHE A 433 24.53 -4.06 -9.78
C PHE A 433 23.55 -3.22 -10.61
N ARG A 434 22.82 -3.89 -11.49
CA ARG A 434 21.88 -3.21 -12.39
C ARG A 434 20.45 -3.79 -12.40
N THR A 435 19.47 -2.88 -12.36
CA THR A 435 18.05 -3.24 -12.34
C THR A 435 17.33 -2.68 -13.57
N MET A 436 16.22 -3.30 -13.96
CA MET A 436 15.49 -2.80 -15.11
C MET A 436 13.97 -2.92 -15.00
N TRP A 437 13.29 -1.99 -15.66
CA TRP A 437 11.83 -1.93 -15.71
C TRP A 437 11.46 -2.03 -17.19
N VAL A 438 10.31 -2.61 -17.49
CA VAL A 438 9.82 -2.74 -18.86
C VAL A 438 8.49 -1.99 -18.90
N ILE A 439 8.37 -1.07 -19.85
CA ILE A 439 7.16 -0.28 -20.00
C ILE A 439 6.45 -0.58 -21.30
N GLY A 440 5.20 -1.01 -21.21
CA GLY A 440 4.44 -1.31 -22.41
C GLY A 440 3.83 -0.04 -22.99
N LEU A 441 3.75 0.01 -24.32
CA LEU A 441 3.19 1.18 -25.01
C LEU A 441 2.08 0.79 -25.97
N VAL A 442 1.19 1.76 -26.23
CA VAL A 442 0.10 1.60 -27.19
C VAL A 442 0.05 2.91 -27.97
N PHE A 443 0.14 2.82 -29.30
CA PHE A 443 0.10 4.01 -30.14
C PHE A 443 -1.27 4.22 -30.74
N LYS A 444 -1.63 5.48 -30.98
CA LYS A 444 -2.92 5.80 -31.58
C LYS A 444 -3.00 5.21 -32.97
N ASP A 455 9.16 8.51 -33.34
CA ASP A 455 10.40 8.70 -32.60
C ASP A 455 10.13 9.17 -31.17
N LEU A 456 10.71 8.46 -30.20
CA LEU A 456 10.53 8.80 -28.79
C LEU A 456 11.85 9.14 -28.12
N THR A 457 12.87 9.44 -28.92
CA THR A 457 14.19 9.76 -28.37
C THR A 457 14.18 11.05 -27.55
N TYR A 458 13.44 12.05 -28.02
CA TYR A 458 13.40 13.32 -27.32
C TYR A 458 12.71 13.25 -25.95
N ASP A 459 11.59 12.53 -25.87
CA ASP A 459 10.88 12.40 -24.59
C ASP A 459 11.71 11.59 -23.60
N ILE A 460 12.35 10.53 -24.11
CA ILE A 460 13.18 9.66 -23.28
C ILE A 460 14.43 10.38 -22.79
N GLN A 461 15.06 11.15 -23.66
CA GLN A 461 16.26 11.88 -23.30
C GLN A 461 15.89 12.97 -22.28
N SER A 462 14.75 13.60 -22.49
CA SER A 462 14.26 14.65 -21.61
C SER A 462 14.01 14.10 -20.20
N PHE A 463 13.47 12.89 -20.12
CA PHE A 463 13.19 12.25 -18.84
C PHE A 463 14.52 11.86 -18.17
N THR A 464 15.44 11.34 -18.97
CA THR A 464 16.74 10.93 -18.46
C THR A 464 17.45 12.14 -17.82
N ASP A 465 17.54 13.25 -18.56
CA ASP A 465 18.19 14.44 -18.04
C ASP A 465 17.54 14.90 -16.74
N THR A 466 16.22 14.87 -16.69
CA THR A 466 15.48 15.30 -15.51
C THR A 466 15.81 14.48 -14.26
N VAL A 467 15.88 13.16 -14.40
CA VAL A 467 16.21 12.31 -13.26
C VAL A 467 17.59 12.66 -12.71
N TYR A 468 18.57 12.79 -13.59
CA TYR A 468 19.93 13.14 -13.17
C TYR A 468 19.95 14.48 -12.47
N ARG A 469 19.28 15.47 -13.07
CA ARG A 469 19.25 16.81 -12.51
C ARG A 469 18.58 16.90 -11.14
N GLN A 470 17.41 16.29 -10.99
CA GLN A 470 16.71 16.34 -9.70
C GLN A 470 17.49 15.60 -8.63
N ALA A 471 18.03 14.43 -8.98
CA ALA A 471 18.80 13.64 -8.03
C ALA A 471 20.00 14.45 -7.53
N ILE A 472 20.68 15.13 -8.46
CA ILE A 472 21.84 15.91 -8.11
C ILE A 472 21.50 17.12 -7.25
N ASN A 473 20.42 17.83 -7.60
CA ASN A 473 20.04 18.99 -6.80
C ASN A 473 19.56 18.60 -5.40
N SER A 474 19.11 17.34 -5.26
CA SER A 474 18.62 16.84 -3.98
C SER A 474 19.72 16.22 -3.10
N LYS A 475 20.97 16.29 -3.57
CA LYS A 475 22.10 15.73 -2.82
C LYS A 475 21.92 14.22 -2.68
N MET A 476 21.20 13.60 -3.61
CA MET A 476 20.99 12.16 -3.55
C MET A 476 21.56 11.45 -4.75
N PHE A 477 22.68 11.95 -5.26
CA PHE A 477 23.34 11.36 -6.41
C PHE A 477 24.80 11.04 -6.15
N GLU A 478 25.18 9.80 -6.44
CA GLU A 478 26.56 9.36 -6.24
C GLU A 478 27.21 9.10 -7.59
N VAL A 479 28.50 9.41 -7.70
CA VAL A 479 29.21 9.20 -8.95
C VAL A 479 29.05 7.77 -9.45
N ASP A 480 28.89 7.65 -10.76
CA ASP A 480 28.71 6.36 -11.42
C ASP A 480 27.32 5.76 -11.36
N MET A 481 26.37 6.47 -10.74
CA MET A 481 25.00 5.99 -10.71
C MET A 481 24.46 6.34 -12.10
N LYS A 482 24.03 5.34 -12.85
CA LYS A 482 23.53 5.57 -14.19
C LYS A 482 22.06 5.22 -14.40
N ILE A 483 21.50 5.78 -15.46
CA ILE A 483 20.12 5.52 -15.84
C ILE A 483 20.00 5.77 -17.34
N ALA A 484 19.51 4.76 -18.05
CA ALA A 484 19.35 4.85 -19.50
C ALA A 484 18.05 4.16 -19.91
N ALA A 485 17.46 4.65 -20.99
CA ALA A 485 16.21 4.09 -21.50
C ALA A 485 16.23 3.96 -23.02
N MET A 486 15.58 2.91 -23.53
CA MET A 486 15.50 2.66 -24.96
C MET A 486 14.10 2.24 -25.40
N HIS A 487 13.75 2.59 -26.64
CA HIS A 487 12.47 2.23 -27.23
C HIS A 487 12.78 0.98 -28.08
N VAL A 488 11.88 0.00 -28.06
CA VAL A 488 12.11 -1.21 -28.82
C VAL A 488 10.81 -1.94 -29.16
N LYS A 489 10.72 -2.47 -30.38
CA LYS A 489 9.53 -3.20 -30.81
C LYS A 489 9.45 -4.51 -30.03
N ARG A 490 8.24 -5.06 -29.92
CA ARG A 490 8.03 -6.30 -29.19
C ARG A 490 8.96 -7.44 -29.60
N LYS A 491 9.12 -7.62 -30.91
CA LYS A 491 9.96 -8.68 -31.46
C LYS A 491 11.43 -8.59 -31.01
N GLN A 492 11.94 -7.36 -30.88
CA GLN A 492 13.32 -7.17 -30.45
C GLN A 492 13.47 -7.08 -28.93
N LEU A 493 12.34 -7.03 -28.21
CA LEU A 493 12.39 -6.97 -26.76
C LEU A 493 13.06 -8.24 -26.29
N HIS A 494 12.91 -9.28 -27.09
CA HIS A 494 13.47 -10.60 -26.84
C HIS A 494 14.95 -10.50 -26.47
N GLN A 495 15.74 -9.90 -27.35
CA GLN A 495 17.18 -9.76 -27.16
C GLN A 495 17.61 -8.65 -26.21
N LEU A 496 16.96 -8.56 -25.06
CA LEU A 496 17.31 -7.54 -24.07
C LEU A 496 16.94 -7.90 -22.64
N LEU A 497 16.69 -9.18 -22.39
CA LEU A 497 16.34 -9.65 -21.05
C LEU A 497 16.50 -11.16 -20.95
N PRO A 498 16.85 -11.66 -19.75
CA PRO A 498 17.03 -13.11 -19.55
C PRO A 498 15.74 -13.89 -19.71
#